data_1ZH4
#
_entry.id   1ZH4
#
_cell.length_a   70.912
_cell.length_b   126.675
_cell.length_c   62.655
_cell.angle_alpha   90.00
_cell.angle_beta   90.00
_cell.angle_gamma   90.00
#
_symmetry.space_group_name_H-M   'C 2 2 21'
#
loop_
_entity.id
_entity.type
_entity.pdbx_description
1 polymer 'KDP operon transcriptional regulatory protein kdpE'
2 non-polymer 'MAGNESIUM ION'
3 non-polymer 'BERYLLIUM TRIFLUORIDE ION'
4 water water
#
_entity_poly.entity_id   1
_entity_poly.type   'polypeptide(L)'
_entity_poly.pdbx_seq_one_letter_code
;MTNVLIVEDEQAIRRFLRTALEGDGMRVFEAETLQRGLLEAATRKPDLIILDLGLPDGDGIEFIRDLRQWSAVPVIVLSA
RSEESDKIAALDAGADDYLSKPFGIGELQARLRVALRRHSQ
;
_entity_poly.pdbx_strand_id   A,B
#
# COMPACT_ATOMS: atom_id res chain seq x y z
N MET A 1 -9.58 -11.53 -18.37
CA MET A 1 -9.71 -12.34 -17.14
C MET A 1 -8.95 -11.79 -15.93
N THR A 2 -8.52 -10.51 -15.94
CA THR A 2 -8.03 -9.94 -14.66
C THR A 2 -9.30 -9.77 -13.83
N ASN A 3 -9.36 -10.46 -12.70
CA ASN A 3 -10.59 -10.53 -11.92
C ASN A 3 -10.55 -9.78 -10.59
N VAL A 4 -11.44 -8.80 -10.47
CA VAL A 4 -11.66 -8.10 -9.22
C VAL A 4 -12.92 -8.58 -8.49
N LEU A 5 -12.77 -8.84 -7.21
CA LEU A 5 -13.89 -9.09 -6.32
C LEU A 5 -14.13 -7.89 -5.41
N ILE A 6 -15.36 -7.37 -5.47
CA ILE A 6 -15.71 -6.26 -4.58
C ILE A 6 -16.68 -6.81 -3.57
N VAL A 7 -16.32 -6.78 -2.29
CA VAL A 7 -17.24 -7.21 -1.25
C VAL A 7 -17.63 -5.99 -0.40
N GLU A 8 -18.82 -5.49 -0.71
CA GLU A 8 -19.24 -4.17 -0.26
C GLU A 8 -20.76 -4.18 -0.24
N ASP A 9 -21.33 -3.75 0.89
CA ASP A 9 -22.79 -3.83 1.10
C ASP A 9 -23.66 -2.70 0.50
N GLU A 10 -23.11 -1.47 0.39
CA GLU A 10 -23.86 -0.41 -0.28
C GLU A 10 -23.70 -0.52 -1.77
N GLN A 11 -24.81 -0.59 -2.46
CA GLN A 11 -24.76 -0.85 -3.88
C GLN A 11 -24.05 0.27 -4.62
N ALA A 12 -24.39 1.51 -4.31
CA ALA A 12 -23.84 2.65 -5.03
C ALA A 12 -22.29 2.56 -5.15
N ILE A 13 -21.62 2.26 -4.05
CA ILE A 13 -20.17 2.07 -4.13
C ILE A 13 -19.79 0.97 -5.14
N ARG A 14 -20.53 -0.15 -5.11
CA ARG A 14 -20.23 -1.30 -5.94
C ARG A 14 -20.32 -0.95 -7.41
N ARG A 15 -21.30 -0.16 -7.77
CA ARG A 15 -21.41 0.08 -9.20
C ARG A 15 -20.54 1.25 -9.63
N PHE A 16 -20.17 2.08 -8.66
CA PHE A 16 -19.18 3.12 -8.87
C PHE A 16 -17.84 2.45 -9.23
N LEU A 17 -17.45 1.42 -8.49
CA LEU A 17 -16.27 0.61 -8.78
C LEU A 17 -16.36 -0.12 -10.13
N ARG A 18 -17.46 -0.83 -10.32
CA ARG A 18 -17.65 -1.57 -11.55
C ARG A 18 -17.50 -0.66 -12.77
N THR A 19 -18.08 0.53 -12.70
CA THR A 19 -17.99 1.47 -13.79
C THR A 19 -16.50 1.79 -14.01
N ALA A 20 -15.76 1.96 -12.91
CA ALA A 20 -14.33 2.32 -12.98
C ALA A 20 -13.48 1.13 -13.44
N LEU A 21 -13.66 -0.04 -12.82
CA LEU A 21 -12.82 -1.20 -13.10
C LEU A 21 -13.11 -1.87 -14.44
N GLU A 22 -14.38 -1.90 -14.86
CA GLU A 22 -14.76 -2.33 -16.22
C GLU A 22 -14.22 -1.44 -17.35
N GLY A 23 -13.91 -0.16 -17.04
CA GLY A 23 -13.38 0.83 -17.97
C GLY A 23 -11.92 0.65 -18.37
N ASP A 24 -11.16 -0.04 -17.52
CA ASP A 24 -9.81 -0.48 -17.84
C ASP A 24 -9.80 -1.93 -18.38
N GLY A 25 -10.99 -2.49 -18.68
CA GLY A 25 -11.12 -3.85 -19.23
C GLY A 25 -11.00 -5.06 -18.27
N MET A 26 -11.19 -4.85 -16.96
CA MET A 26 -11.15 -5.97 -15.99
C MET A 26 -12.49 -6.73 -15.90
N ARG A 27 -12.48 -7.91 -15.27
CA ARG A 27 -13.73 -8.54 -14.86
C ARG A 27 -14.04 -8.30 -13.39
N VAL A 28 -15.28 -7.86 -13.12
CA VAL A 28 -15.70 -7.52 -11.76
C VAL A 28 -16.85 -8.39 -11.25
N PHE A 29 -16.69 -8.91 -10.03
CA PHE A 29 -17.68 -9.73 -9.34
C PHE A 29 -18.03 -9.12 -7.99
N GLU A 30 -19.33 -9.01 -7.73
CA GLU A 30 -19.86 -8.36 -6.52
C GLU A 30 -20.27 -9.36 -5.44
N ALA A 31 -20.09 -8.98 -4.18
CA ALA A 31 -20.61 -9.73 -3.02
C ALA A 31 -21.08 -8.69 -1.99
N GLU A 32 -22.26 -8.89 -1.41
CA GLU A 32 -22.77 -7.91 -0.45
C GLU A 32 -22.72 -8.38 1.00
N THR A 33 -22.21 -9.59 1.22
CA THR A 33 -22.05 -10.11 2.58
C THR A 33 -20.65 -10.66 2.80
N LEU A 34 -20.19 -10.67 4.03
CA LEU A 34 -18.89 -11.29 4.32
C LEU A 34 -18.82 -12.80 3.96
N GLN A 35 -19.82 -13.58 4.39
CA GLN A 35 -19.95 -14.99 4.00
C GLN A 35 -19.90 -15.17 2.47
N ARG A 36 -20.81 -14.55 1.71
CA ARG A 36 -20.78 -14.66 0.24
C ARG A 36 -19.49 -14.06 -0.36
N GLY A 37 -18.67 -13.48 0.52
CA GLY A 37 -17.44 -12.82 0.11
C GLY A 37 -16.27 -13.78 0.21
N LEU A 38 -16.00 -14.24 1.44
CA LEU A 38 -15.09 -15.34 1.72
C LEU A 38 -15.29 -16.41 0.69
N LEU A 39 -16.55 -16.73 0.44
CA LEU A 39 -16.89 -17.75 -0.55
C LEU A 39 -16.41 -17.43 -1.94
N GLU A 40 -16.73 -16.24 -2.43
CA GLU A 40 -16.31 -15.85 -3.78
C GLU A 40 -14.79 -15.83 -3.92
N ALA A 41 -14.10 -15.38 -2.89
CA ALA A 41 -12.63 -15.47 -2.84
C ALA A 41 -12.07 -16.89 -3.03
N ALA A 42 -12.68 -17.85 -2.33
CA ALA A 42 -12.24 -19.24 -2.43
C ALA A 42 -12.63 -19.84 -3.76
N THR A 43 -13.67 -19.28 -4.38
CA THR A 43 -14.23 -19.91 -5.59
C THR A 43 -13.92 -19.30 -6.96
N ARG A 44 -14.22 -18.01 -7.14
CA ARG A 44 -13.98 -17.27 -8.40
C ARG A 44 -12.51 -17.01 -8.76
N LYS A 45 -11.63 -17.34 -7.82
CA LYS A 45 -10.20 -17.14 -8.00
C LYS A 45 -9.94 -15.77 -8.61
N PRO A 46 -10.04 -14.70 -7.83
CA PRO A 46 -9.85 -13.38 -8.37
C PRO A 46 -8.40 -12.96 -8.17
N ASP A 47 -7.96 -11.96 -8.94
CA ASP A 47 -6.59 -11.47 -8.81
C ASP A 47 -6.45 -10.42 -7.72
N LEU A 48 -7.56 -9.78 -7.37
CA LEU A 48 -7.54 -8.93 -6.19
C LEU A 48 -8.91 -8.78 -5.58
N ILE A 49 -8.91 -8.40 -4.31
CA ILE A 49 -10.15 -8.14 -3.62
C ILE A 49 -10.13 -6.74 -3.03
N ILE A 50 -11.22 -6.02 -3.28
CA ILE A 50 -11.46 -4.77 -2.60
C ILE A 50 -12.47 -5.09 -1.52
N LEU A 51 -12.05 -4.89 -0.28
CA LEU A 51 -12.77 -5.38 0.86
C LEU A 51 -13.34 -4.25 1.71
N ASP A 52 -14.67 -4.18 1.75
CA ASP A 52 -15.32 -3.37 2.78
C ASP A 52 -15.07 -3.94 4.22
N LEU A 53 -15.23 -3.09 5.24
CA LEU A 53 -15.13 -3.54 6.63
C LEU A 53 -16.52 -3.62 7.33
N GLY A 54 -17.31 -2.56 7.26
CA GLY A 54 -18.65 -2.57 7.83
C GLY A 54 -19.64 -3.43 7.04
N LEU A 55 -19.78 -4.68 7.46
CA LEU A 55 -20.68 -5.62 6.78
C LEU A 55 -21.83 -6.16 7.69
N PRO A 56 -22.97 -6.52 7.09
CA PRO A 56 -24.12 -6.95 7.90
C PRO A 56 -23.87 -8.24 8.67
N ASP A 57 -23.18 -9.21 8.06
CA ASP A 57 -22.98 -10.53 8.64
C ASP A 57 -21.62 -10.65 9.33
N GLY A 58 -21.12 -9.53 9.85
CA GLY A 58 -19.85 -9.52 10.58
C GLY A 58 -18.79 -8.54 10.08
N ASP A 59 -17.69 -8.45 10.84
CA ASP A 59 -16.53 -7.58 10.59
C ASP A 59 -15.58 -8.06 9.46
N GLY A 60 -15.30 -7.20 8.49
CA GLY A 60 -14.27 -7.47 7.49
C GLY A 60 -12.90 -7.92 7.99
N ILE A 61 -12.46 -7.47 9.16
CA ILE A 61 -11.18 -7.93 9.70
C ILE A 61 -11.17 -9.43 9.93
N GLU A 62 -12.35 -10.04 10.06
CA GLU A 62 -12.36 -11.47 10.24
C GLU A 62 -12.33 -12.11 8.86
N PHE A 63 -12.78 -11.36 7.85
CA PHE A 63 -12.69 -11.81 6.46
C PHE A 63 -11.23 -12.04 6.09
N ILE A 64 -10.38 -11.14 6.56
CA ILE A 64 -8.98 -11.24 6.27
C ILE A 64 -8.25 -12.38 7.02
N ARG A 65 -8.35 -12.36 8.35
CA ARG A 65 -7.82 -13.41 9.22
C ARG A 65 -8.08 -14.83 8.67
N ASP A 66 -9.31 -15.03 8.25
CA ASP A 66 -9.76 -16.25 7.63
C ASP A 66 -9.07 -16.50 6.28
N LEU A 67 -9.23 -15.55 5.36
CA LEU A 67 -8.62 -15.57 4.03
C LEU A 67 -7.14 -15.94 4.05
N ARG A 68 -6.38 -15.33 4.94
CA ARG A 68 -4.93 -15.50 4.90
C ARG A 68 -4.51 -16.96 5.22
N GLN A 69 -5.47 -17.81 5.54
CA GLN A 69 -5.22 -19.21 5.92
C GLN A 69 -5.28 -20.11 4.70
N TRP A 70 -5.80 -19.57 3.60
CA TRP A 70 -5.95 -20.33 2.35
C TRP A 70 -5.75 -19.56 1.04
N SER A 71 -5.64 -18.24 1.14
CA SER A 71 -5.33 -17.41 -0.03
C SER A 71 -4.28 -16.37 0.26
N ALA A 72 -3.55 -16.01 -0.79
CA ALA A 72 -2.54 -14.97 -0.71
C ALA A 72 -2.89 -13.81 -1.65
N VAL A 73 -4.11 -13.86 -2.17
CA VAL A 73 -4.60 -12.82 -3.07
C VAL A 73 -4.51 -11.44 -2.40
N PRO A 74 -3.98 -10.44 -3.12
CA PRO A 74 -3.87 -9.09 -2.57
C PRO A 74 -5.23 -8.61 -2.09
N VAL A 75 -5.25 -7.98 -0.92
CA VAL A 75 -6.49 -7.45 -0.43
C VAL A 75 -6.37 -5.96 -0.20
N ILE A 76 -7.27 -5.18 -0.78
CA ILE A 76 -7.24 -3.75 -0.46
C ILE A 76 -8.51 -3.41 0.27
N VAL A 77 -8.40 -2.92 1.48
CA VAL A 77 -9.66 -2.56 2.12
C VAL A 77 -10.07 -1.16 1.76
N LEU A 78 -11.36 -1.01 1.51
CA LEU A 78 -12.00 0.26 1.24
C LEU A 78 -13.08 0.37 2.28
N SER A 79 -12.86 1.19 3.31
CA SER A 79 -13.86 1.34 4.39
C SER A 79 -13.94 2.78 4.95
N ALA A 80 -15.09 3.13 5.53
CA ALA A 80 -15.26 4.46 6.14
C ALA A 80 -14.56 4.58 7.48
N ARG A 81 -14.16 3.45 8.05
CA ARG A 81 -13.46 3.46 9.31
C ARG A 81 -12.13 4.16 9.14
N SER A 82 -12.08 5.44 9.46
CA SER A 82 -10.88 6.20 9.12
C SER A 82 -9.85 6.32 10.22
N GLU A 83 -9.80 5.33 11.10
CA GLU A 83 -8.99 5.37 12.34
C GLU A 83 -7.62 4.68 12.25
N GLU A 84 -6.57 5.29 12.81
CA GLU A 84 -5.25 4.67 12.77
C GLU A 84 -5.22 3.19 13.23
N SER A 85 -5.78 2.90 14.39
CA SER A 85 -5.82 1.54 14.91
C SER A 85 -6.61 0.62 13.99
N ASP A 86 -7.60 1.17 13.32
CA ASP A 86 -8.44 0.41 12.39
C ASP A 86 -7.57 -0.01 11.18
N LYS A 87 -6.68 0.88 10.78
CA LYS A 87 -5.82 0.61 9.64
C LYS A 87 -4.79 -0.44 10.03
N ILE A 88 -4.18 -0.25 11.20
CA ILE A 88 -3.16 -1.16 11.74
C ILE A 88 -3.74 -2.56 11.91
N ALA A 89 -4.96 -2.62 12.43
CA ALA A 89 -5.59 -3.92 12.61
C ALA A 89 -5.70 -4.64 11.29
N ALA A 90 -6.34 -4.00 10.31
CA ALA A 90 -6.65 -4.62 9.02
C ALA A 90 -5.39 -5.03 8.28
N LEU A 91 -4.35 -4.21 8.40
CA LEU A 91 -3.10 -4.48 7.70
C LEU A 91 -2.42 -5.69 8.32
N ASP A 92 -2.24 -5.62 9.63
CA ASP A 92 -1.69 -6.72 10.42
C ASP A 92 -2.48 -8.01 10.22
N ALA A 93 -3.75 -7.91 9.87
CA ALA A 93 -4.54 -9.10 9.57
C ALA A 93 -4.15 -9.74 8.21
N GLY A 94 -3.50 -8.97 7.33
CA GLY A 94 -3.03 -9.49 6.07
C GLY A 94 -3.56 -8.76 4.86
N ALA A 95 -4.19 -7.61 5.12
CA ALA A 95 -4.58 -6.70 4.05
C ALA A 95 -3.29 -6.21 3.42
N ASP A 96 -3.31 -5.94 2.14
CA ASP A 96 -2.13 -5.39 1.48
C ASP A 96 -2.14 -3.86 1.51
N ASP A 97 -3.33 -3.28 1.49
CA ASP A 97 -3.42 -1.82 1.47
C ASP A 97 -4.77 -1.41 2.10
N TYR A 98 -4.95 -0.10 2.29
CA TYR A 98 -6.11 0.40 2.98
C TYR A 98 -6.38 1.82 2.55
N LEU A 99 -7.55 2.05 2.00
CA LEU A 99 -7.98 3.39 1.64
C LEU A 99 -9.28 3.66 2.37
N SER A 100 -9.33 4.80 3.05
CA SER A 100 -10.55 5.26 3.70
C SER A 100 -11.50 5.95 2.72
N LYS A 101 -12.81 5.76 2.92
CA LYS A 101 -13.83 6.57 2.25
C LYS A 101 -14.03 7.87 3.06
N PRO A 102 -14.28 9.02 2.41
CA PRO A 102 -14.37 9.10 0.95
C PRO A 102 -12.96 9.02 0.35
N PHE A 103 -12.91 8.69 -0.94
CA PHE A 103 -11.67 8.38 -1.60
C PHE A 103 -11.74 8.82 -3.04
N GLY A 104 -10.58 9.02 -3.67
CA GLY A 104 -10.52 9.23 -5.09
C GLY A 104 -10.39 7.93 -5.86
N ILE A 105 -11.13 7.77 -6.95
CA ILE A 105 -11.07 6.51 -7.71
C ILE A 105 -9.71 6.35 -8.40
N GLY A 106 -9.13 7.45 -8.85
CA GLY A 106 -7.82 7.46 -9.48
C GLY A 106 -6.75 6.83 -8.58
N GLU A 107 -6.86 7.13 -7.29
CA GLU A 107 -5.87 6.64 -6.35
C GLU A 107 -6.21 5.20 -6.03
N LEU A 108 -7.48 4.87 -5.96
CA LEU A 108 -7.77 3.45 -5.78
C LEU A 108 -7.23 2.66 -6.99
N GLN A 109 -7.43 3.15 -8.19
CA GLN A 109 -6.96 2.43 -9.36
C GLN A 109 -5.40 2.28 -9.34
N ALA A 110 -4.68 3.31 -8.89
CA ALA A 110 -3.18 3.26 -8.93
C ALA A 110 -2.71 2.24 -7.91
N ARG A 111 -3.35 2.19 -6.76
CA ARG A 111 -3.08 1.19 -5.73
C ARG A 111 -3.49 -0.24 -6.11
N LEU A 112 -4.52 -0.36 -6.92
CA LEU A 112 -4.88 -1.66 -7.47
C LEU A 112 -3.73 -2.12 -8.34
N ARG A 113 -3.21 -1.21 -9.16
CA ARG A 113 -2.09 -1.56 -10.02
C ARG A 113 -0.85 -2.06 -9.28
N VAL A 114 -0.53 -1.39 -8.15
CA VAL A 114 0.58 -1.87 -7.32
C VAL A 114 0.35 -3.34 -6.92
N ALA A 115 -0.87 -3.64 -6.50
CA ALA A 115 -1.11 -4.98 -5.99
C ALA A 115 -1.04 -5.98 -7.15
N LEU A 116 -1.47 -5.59 -8.34
CA LEU A 116 -1.36 -6.54 -9.45
C LEU A 116 0.10 -6.78 -9.78
N ARG A 117 0.88 -5.70 -9.93
CA ARG A 117 2.26 -5.95 -10.32
C ARG A 117 3.07 -6.73 -9.30
N ARG A 118 2.82 -6.52 -8.00
CA ARG A 118 3.60 -7.16 -6.94
C ARG A 118 3.23 -8.63 -6.73
N HIS A 119 2.00 -9.01 -7.05
CA HIS A 119 1.56 -10.40 -6.97
C HIS A 119 1.65 -11.29 -8.20
N SER A 120 1.99 -10.69 -9.34
CA SER A 120 2.11 -11.46 -10.56
C SER A 120 3.53 -12.02 -10.59
N GLN A 121 4.42 -11.30 -9.89
CA GLN A 121 5.85 -11.64 -9.71
C GLN A 121 6.09 -13.09 -9.29
N MET B 1 20.73 -8.23 9.26
CA MET B 1 19.52 -7.54 9.83
C MET B 1 18.57 -7.05 8.71
N THR B 2 17.29 -6.88 9.03
CA THR B 2 16.33 -6.09 8.23
C THR B 2 16.86 -4.66 8.05
N ASN B 3 17.31 -4.32 6.83
CA ASN B 3 17.88 -3.00 6.53
C ASN B 3 16.87 -1.99 5.97
N VAL B 4 16.85 -0.77 6.49
CA VAL B 4 15.95 0.23 5.97
C VAL B 4 16.74 1.47 5.59
N LEU B 5 16.45 1.99 4.40
CA LEU B 5 17.05 3.25 3.96
C LEU B 5 15.99 4.34 3.97
N ILE B 6 16.34 5.47 4.55
CA ILE B 6 15.49 6.67 4.58
C ILE B 6 16.12 7.74 3.70
N VAL B 7 15.36 8.22 2.72
CA VAL B 7 15.85 9.29 1.88
C VAL B 7 14.95 10.50 2.15
N GLU B 8 15.49 11.47 2.88
CA GLU B 8 14.75 12.60 3.44
C GLU B 8 15.78 13.67 3.75
N ASP B 9 15.40 14.91 3.45
CA ASP B 9 16.34 15.99 3.59
C ASP B 9 16.31 16.61 5.03
N GLU B 10 15.26 16.35 5.80
CA GLU B 10 15.02 17.01 7.10
C GLU B 10 15.35 16.11 8.30
N GLN B 11 16.36 16.50 9.08
CA GLN B 11 16.91 15.67 10.16
C GLN B 11 15.86 15.30 11.18
N ALA B 12 15.00 16.25 11.49
CA ALA B 12 13.95 15.98 12.44
C ALA B 12 13.07 14.80 11.98
N ILE B 13 12.82 14.67 10.69
CA ILE B 13 12.09 13.50 10.22
C ILE B 13 12.95 12.23 10.36
N ARG B 14 14.18 12.32 9.88
CA ARG B 14 15.09 11.19 9.89
C ARG B 14 15.43 10.68 11.28
N ARG B 15 15.44 11.56 12.29
CA ARG B 15 15.75 11.15 13.67
C ARG B 15 14.53 10.42 14.13
N PHE B 16 13.40 11.05 13.90
CA PHE B 16 12.18 10.46 14.37
C PHE B 16 11.98 9.08 13.76
N LEU B 17 12.24 8.89 12.46
CA LEU B 17 11.97 7.56 11.86
C LEU B 17 12.94 6.53 12.38
N ARG B 18 14.22 6.88 12.37
CA ARG B 18 15.26 5.99 12.86
C ARG B 18 14.94 5.44 14.26
N THR B 19 14.68 6.35 15.21
CA THR B 19 14.36 5.96 16.57
C THR B 19 13.31 4.88 16.60
N ALA B 20 12.19 5.14 15.92
CA ALA B 20 11.06 4.24 15.88
C ALA B 20 11.43 2.89 15.24
N LEU B 21 12.29 2.94 14.25
CA LEU B 21 12.62 1.76 13.47
C LEU B 21 13.68 0.95 14.22
N GLU B 22 14.69 1.64 14.74
CA GLU B 22 15.69 1.01 15.60
C GLU B 22 15.06 0.40 16.87
N GLY B 23 14.04 1.09 17.40
CA GLY B 23 13.21 0.55 18.45
C GLY B 23 12.45 -0.72 18.08
N ASP B 24 12.17 -0.91 16.79
CA ASP B 24 11.42 -2.10 16.35
C ASP B 24 12.36 -3.22 15.84
N GLY B 25 13.67 -2.95 15.86
CA GLY B 25 14.67 -3.96 15.62
C GLY B 25 15.29 -4.02 14.24
N MET B 26 15.30 -2.87 13.56
CA MET B 26 15.82 -2.77 12.21
C MET B 26 17.05 -1.91 12.24
N ARG B 27 17.98 -2.23 11.34
CA ARG B 27 19.18 -1.46 11.09
C ARG B 27 18.75 -0.35 10.14
N VAL B 28 19.28 0.86 10.27
CA VAL B 28 18.71 1.99 9.55
C VAL B 28 19.83 2.73 8.87
N PHE B 29 19.62 3.18 7.61
CA PHE B 29 20.58 4.04 6.93
C PHE B 29 19.94 5.33 6.44
N GLU B 30 20.74 6.31 6.06
CA GLU B 30 20.16 7.60 5.77
C GLU B 30 20.77 8.30 4.60
N ALA B 31 19.97 9.20 4.03
CA ALA B 31 20.47 9.98 2.92
C ALA B 31 19.60 11.20 2.84
N GLU B 32 20.20 12.30 2.45
CA GLU B 32 19.50 13.55 2.62
C GLU B 32 19.49 14.24 1.25
N THR B 33 19.95 13.51 0.26
CA THR B 33 19.73 13.97 -1.11
C THR B 33 19.25 12.83 -2.00
N LEU B 34 18.79 13.21 -3.18
CA LEU B 34 18.36 12.23 -4.17
C LEU B 34 19.58 11.41 -4.62
N GLN B 35 20.60 12.11 -5.09
CA GLN B 35 21.87 11.51 -5.54
C GLN B 35 22.51 10.59 -4.51
N ARG B 36 22.50 11.00 -3.23
CA ARG B 36 23.12 10.17 -2.20
C ARG B 36 22.16 9.07 -1.80
N GLY B 37 20.88 9.34 -1.93
CA GLY B 37 19.90 8.29 -1.85
C GLY B 37 20.12 7.14 -2.82
N LEU B 38 20.46 7.43 -4.06
CA LEU B 38 20.62 6.33 -5.04
C LEU B 38 21.88 5.54 -4.74
N LEU B 39 22.97 6.23 -4.42
CA LEU B 39 24.21 5.53 -4.09
C LEU B 39 24.02 4.62 -2.87
N GLU B 40 23.48 5.16 -1.79
CA GLU B 40 23.21 4.30 -0.63
C GLU B 40 22.28 3.14 -0.99
N ALA B 41 21.26 3.39 -1.83
CA ALA B 41 20.41 2.26 -2.20
C ALA B 41 21.23 1.16 -2.89
N ALA B 42 22.15 1.54 -3.75
CA ALA B 42 22.97 0.53 -4.44
C ALA B 42 24.10 -0.12 -3.55
N THR B 43 24.51 0.57 -2.48
CA THR B 43 25.57 0.03 -1.61
C THR B 43 25.11 -0.76 -0.37
N ARG B 44 24.03 -0.32 0.27
CA ARG B 44 23.58 -0.90 1.53
C ARG B 44 22.59 -2.04 1.39
N LYS B 45 22.23 -2.38 0.15
CA LYS B 45 21.23 -3.42 -0.10
C LYS B 45 20.03 -3.32 0.87
N PRO B 46 19.33 -2.18 0.92
CA PRO B 46 18.14 -2.08 1.78
C PRO B 46 17.04 -3.04 1.37
N ASP B 47 16.24 -3.46 2.35
CA ASP B 47 15.08 -4.34 2.15
C ASP B 47 13.82 -3.52 1.93
N LEU B 48 13.94 -2.22 2.17
CA LEU B 48 12.85 -1.27 2.09
C LEU B 48 13.45 0.10 2.06
N ILE B 49 12.85 0.99 1.27
CA ILE B 49 13.23 2.39 1.21
C ILE B 49 12.04 3.27 1.51
N ILE B 50 12.25 4.27 2.39
CA ILE B 50 11.22 5.25 2.71
C ILE B 50 11.63 6.50 2.01
N LEU B 51 10.77 6.96 1.09
CA LEU B 51 11.18 8.03 0.24
C LEU B 51 10.36 9.28 0.44
N ASP B 52 11.07 10.39 0.41
CA ASP B 52 10.52 11.73 0.52
C ASP B 52 10.60 12.24 -0.90
N LEU B 53 9.64 13.04 -1.33
CA LEU B 53 9.72 13.58 -2.68
C LEU B 53 10.35 14.98 -2.83
N GLY B 54 10.06 15.89 -1.88
CA GLY B 54 10.66 17.21 -1.94
C GLY B 54 12.13 17.12 -1.52
N LEU B 55 13.05 16.92 -2.47
CA LEU B 55 14.50 16.83 -2.19
C LEU B 55 15.18 17.94 -2.91
N PRO B 56 16.30 18.43 -2.39
CA PRO B 56 16.95 19.66 -2.91
C PRO B 56 17.65 19.53 -4.28
N ASP B 57 18.07 18.32 -4.63
CA ASP B 57 18.64 18.08 -5.97
C ASP B 57 17.68 17.42 -7.03
N GLY B 58 16.38 17.26 -6.74
CA GLY B 58 15.45 16.70 -7.70
C GLY B 58 14.21 16.19 -6.99
N ASP B 59 13.14 15.88 -7.74
CA ASP B 59 11.92 15.27 -7.19
C ASP B 59 12.17 13.80 -6.99
N GLY B 60 11.65 13.24 -5.91
CA GLY B 60 11.90 11.85 -5.63
C GLY B 60 11.31 10.91 -6.69
N ILE B 61 10.32 11.36 -7.47
CA ILE B 61 9.77 10.51 -8.54
C ILE B 61 10.86 10.11 -9.55
N GLU B 62 11.82 11.00 -9.77
CA GLU B 62 12.97 10.63 -10.59
C GLU B 62 13.83 9.61 -9.85
N PHE B 63 13.70 9.54 -8.53
CA PHE B 63 14.46 8.58 -7.77
C PHE B 63 13.81 7.23 -8.07
N ILE B 64 12.49 7.19 -7.94
CA ILE B 64 11.75 5.92 -8.13
C ILE B 64 12.01 5.42 -9.55
N ARG B 65 11.94 6.31 -10.53
CA ARG B 65 12.18 5.90 -11.94
C ARG B 65 13.62 5.41 -12.19
N ASP B 66 14.61 6.06 -11.60
CA ASP B 66 15.96 5.52 -11.68
C ASP B 66 16.02 4.17 -10.99
N LEU B 67 15.56 4.13 -9.75
CA LEU B 67 15.66 2.95 -8.97
C LEU B 67 15.09 1.75 -9.71
N ARG B 68 13.84 1.85 -10.15
CA ARG B 68 13.17 0.70 -10.75
C ARG B 68 13.84 0.08 -12.00
N GLN B 69 14.70 0.83 -12.71
CA GLN B 69 15.55 0.19 -13.73
C GLN B 69 16.51 -0.89 -13.23
N TRP B 70 16.87 -0.83 -11.94
CA TRP B 70 17.85 -1.80 -11.45
C TRP B 70 17.51 -2.44 -10.13
N SER B 71 16.37 -2.07 -9.56
CA SER B 71 15.99 -2.63 -8.30
C SER B 71 14.49 -2.72 -8.08
N ALA B 72 14.07 -3.82 -7.47
CA ALA B 72 12.69 -4.05 -7.14
C ALA B 72 12.41 -3.86 -5.64
N VAL B 73 13.35 -3.28 -4.86
CA VAL B 73 13.08 -3.13 -3.39
C VAL B 73 11.86 -2.26 -3.16
N PRO B 74 11.09 -2.64 -2.15
CA PRO B 74 9.89 -1.92 -1.76
C PRO B 74 10.22 -0.47 -1.40
N VAL B 75 9.28 0.42 -1.76
CA VAL B 75 9.50 1.85 -1.62
C VAL B 75 8.22 2.44 -1.10
N ILE B 76 8.35 3.14 0.02
CA ILE B 76 7.18 3.76 0.65
C ILE B 76 7.50 5.20 0.59
N VAL B 77 6.60 5.97 -0.02
CA VAL B 77 6.79 7.41 -0.18
C VAL B 77 6.18 8.06 1.04
N LEU B 78 6.94 8.97 1.63
CA LEU B 78 6.50 9.68 2.84
C LEU B 78 6.72 11.12 2.51
N SER B 79 5.65 11.86 2.22
CA SER B 79 5.86 13.19 1.66
C SER B 79 4.83 14.24 2.10
N ALA B 80 5.24 15.50 2.05
CA ALA B 80 4.30 16.62 2.28
C ALA B 80 3.24 16.74 1.13
N ARG B 81 3.56 16.24 -0.07
CA ARG B 81 2.66 16.45 -1.21
C ARG B 81 1.50 15.53 -1.00
N SER B 82 0.30 16.11 -0.90
CA SER B 82 -0.90 15.33 -0.62
C SER B 82 -1.93 15.25 -1.73
N GLU B 83 -1.65 15.81 -2.90
CA GLU B 83 -2.59 15.73 -4.00
C GLU B 83 -2.77 14.23 -4.37
N GLU B 84 -4.01 13.85 -4.67
CA GLU B 84 -4.30 12.56 -5.29
C GLU B 84 -3.37 12.38 -6.49
N SER B 85 -3.14 13.46 -7.22
CA SER B 85 -2.34 13.34 -8.42
C SER B 85 -0.88 13.03 -8.13
N ASP B 86 -0.36 13.50 -6.99
CA ASP B 86 1.01 13.16 -6.56
C ASP B 86 1.08 11.65 -6.20
N LYS B 87 0.10 11.14 -5.49
CA LYS B 87 0.12 9.75 -5.15
C LYS B 87 0.07 8.81 -6.40
N ILE B 88 -0.87 9.12 -7.31
CA ILE B 88 -1.00 8.36 -8.54
C ILE B 88 0.32 8.34 -9.27
N ALA B 89 1.00 9.48 -9.40
CA ALA B 89 2.23 9.52 -10.19
C ALA B 89 3.36 8.67 -9.59
N ALA B 90 3.52 8.81 -8.28
CA ALA B 90 4.57 8.07 -7.58
C ALA B 90 4.29 6.54 -7.49
N LEU B 91 3.05 6.13 -7.30
CA LEU B 91 2.73 4.71 -7.34
C LEU B 91 2.94 4.10 -8.75
N ASP B 92 2.56 4.85 -9.79
CA ASP B 92 2.70 4.37 -11.16
C ASP B 92 4.10 4.37 -11.62
N ALA B 93 4.90 5.28 -11.05
CA ALA B 93 6.31 5.27 -11.40
C ALA B 93 6.98 4.08 -10.74
N GLY B 94 6.36 3.52 -9.70
CA GLY B 94 6.90 2.32 -9.08
C GLY B 94 6.98 2.26 -7.56
N ALA B 95 6.54 3.29 -6.88
CA ALA B 95 6.50 3.19 -5.42
C ALA B 95 5.44 2.19 -5.08
N ASP B 96 5.58 1.64 -3.90
CA ASP B 96 4.71 0.60 -3.44
C ASP B 96 3.62 1.13 -2.54
N ASP B 97 3.87 2.26 -1.91
CA ASP B 97 2.87 2.81 -0.93
C ASP B 97 3.18 4.28 -0.77
N TYR B 98 2.27 4.99 -0.18
CA TYR B 98 2.44 6.42 -0.08
C TYR B 98 1.70 6.94 1.16
N LEU B 99 2.40 7.67 2.03
CA LEU B 99 1.74 8.34 3.16
C LEU B 99 2.05 9.82 3.10
N SER B 100 1.05 10.67 3.25
CA SER B 100 1.34 12.10 3.31
C SER B 100 1.77 12.45 4.74
N LYS B 101 2.56 13.52 4.89
CA LYS B 101 2.80 14.11 6.22
C LYS B 101 1.83 15.28 6.47
N PRO B 102 1.40 15.48 7.73
CA PRO B 102 1.77 14.63 8.87
C PRO B 102 1.18 13.24 8.86
N PHE B 103 1.89 12.33 9.47
CA PHE B 103 1.49 10.94 9.47
C PHE B 103 1.47 10.36 10.89
N GLY B 104 0.95 9.14 11.02
CA GLY B 104 1.03 8.42 12.28
C GLY B 104 2.11 7.34 12.17
N ILE B 105 3.14 7.41 13.01
CA ILE B 105 4.19 6.38 13.03
C ILE B 105 3.62 4.97 13.04
N GLY B 106 2.54 4.79 13.81
CA GLY B 106 1.83 3.54 13.87
C GLY B 106 1.43 3.03 12.50
N GLU B 107 0.73 3.86 11.72
CA GLU B 107 0.26 3.45 10.39
C GLU B 107 1.46 3.10 9.50
N LEU B 108 2.46 3.97 9.49
CA LEU B 108 3.72 3.69 8.81
C LEU B 108 4.23 2.30 9.14
N GLN B 109 4.53 2.05 10.41
CA GLN B 109 5.26 0.85 10.77
C GLN B 109 4.49 -0.38 10.32
N ALA B 110 3.16 -0.27 10.34
CA ALA B 110 2.33 -1.36 9.89
C ALA B 110 2.49 -1.53 8.36
N ARG B 111 2.35 -0.44 7.60
CA ARG B 111 2.58 -0.49 6.17
C ARG B 111 4.01 -0.96 5.91
N LEU B 112 4.96 -0.56 6.77
CA LEU B 112 6.32 -1.14 6.68
C LEU B 112 6.34 -2.67 6.77
N ARG B 113 5.49 -3.20 7.64
CA ARG B 113 5.43 -4.62 7.79
C ARG B 113 4.80 -5.29 6.59
N VAL B 114 3.76 -4.65 6.03
CA VAL B 114 3.16 -5.17 4.82
C VAL B 114 4.22 -5.29 3.70
N ALA B 115 4.97 -4.23 3.50
CA ALA B 115 5.93 -4.24 2.40
C ALA B 115 7.07 -5.26 2.57
N LEU B 116 7.35 -5.64 3.81
CA LEU B 116 8.49 -6.51 4.16
C LEU B 116 8.09 -7.97 4.24
N ARG B 117 6.80 -8.23 4.15
CA ARG B 117 6.36 -9.60 4.24
C ARG B 117 6.15 -10.22 2.86
N ARG B 118 5.71 -9.37 1.93
CA ARG B 118 5.22 -9.77 0.58
C ARG B 118 6.31 -10.01 -0.48
N HIS B 119 7.35 -9.19 -0.40
CA HIS B 119 8.48 -9.23 -1.33
C HIS B 119 9.56 -10.22 -0.80
N SER B 120 9.68 -10.37 0.53
CA SER B 120 10.64 -11.30 1.16
C SER B 120 9.95 -12.46 1.86
#